data_1IWH
#
_entry.id   1IWH
#
_cell.length_a   62.396
_cell.length_b   107.496
_cell.length_c   86.745
_cell.angle_alpha   90.00
_cell.angle_beta   90.00
_cell.angle_gamma   90.00
#
_symmetry.space_group_name_H-M   'C 2 2 21'
#
loop_
_entity.id
_entity.type
_entity.pdbx_description
1 polymer 'Hemoglobin alpha chain'
2 polymer 'Hemoglobin beta chain'
3 non-polymer 'PROTOPORPHYRIN IX CONTAINING FE'
4 non-polymer 'CARBON MONOXIDE'
5 non-polymer '2-[P-[2-P-CHLOROBENZAMIDO)ETHYL]PHENOXY]-2-METHYLPROPIONIC ACID'
6 water water
#
loop_
_entity_poly.entity_id
_entity_poly.type
_entity_poly.pdbx_seq_one_letter_code
_entity_poly.pdbx_strand_id
1 'polypeptide(L)'
;VLSAADKTNVKAAWSKVGGHAGEYGAEALERMFLGFPTTKTYFPHFDLSHGSAQVKAHGKKVGDALTLAVGHLDDLPGAL
SNLSDLHAHKLRVDPVNFKLLSHCLLSTLAVHLPNDFTPAVHASLDKFLSSVSTVLTSKYR
;
A
2 'polypeptide(L)'
;VQLSGEEKAAVLALWDKVNEEEVGGEALGRLLVVYPWTQRFFDSFGDLSNPGAVMGNPKVKAHGKKVLHSFGEGVHHLDN
LKGTFAALSELHCDKLHVDPENFRLLGNVLVVVLARHFGKDFTPELQASYQKVVAGVANALAHKYH
;
B
#
# COMPACT_ATOMS: atom_id res chain seq x y z
N VAL A 1 -11.55 -6.33 15.91
CA VAL A 1 -12.91 -6.19 15.41
C VAL A 1 -13.16 -4.75 14.95
N LEU A 2 -13.73 -4.72 13.75
CA LEU A 2 -13.98 -3.48 13.03
C LEU A 2 -15.18 -2.73 13.57
N SER A 3 -15.13 -1.41 13.56
CA SER A 3 -16.29 -0.59 13.87
C SER A 3 -17.49 -0.84 12.95
N ALA A 4 -18.68 -0.36 13.35
CA ALA A 4 -19.82 -0.59 12.49
C ALA A 4 -19.65 0.09 11.14
N ALA A 5 -19.07 1.29 11.19
CA ALA A 5 -18.89 2.04 9.93
C ALA A 5 -17.94 1.32 9.00
N ASP A 6 -16.89 0.76 9.62
CA ASP A 6 -15.90 0.06 8.81
C ASP A 6 -16.49 -1.20 8.21
N LYS A 7 -17.25 -1.94 9.03
CA LYS A 7 -17.88 -3.14 8.47
C LYS A 7 -18.75 -2.80 7.28
N THR A 8 -19.50 -1.70 7.42
CA THR A 8 -20.37 -1.24 6.33
C THR A 8 -19.55 -0.91 5.08
N ASN A 9 -18.47 -0.16 5.24
CA ASN A 9 -17.62 0.18 4.09
C ASN A 9 -17.01 -1.05 3.43
N VAL A 10 -16.58 -1.99 4.28
CA VAL A 10 -15.95 -3.20 3.76
C VAL A 10 -16.92 -4.07 3.00
N LYS A 11 -18.13 -4.27 3.56
CA LYS A 11 -19.10 -5.07 2.78
C LYS A 11 -19.50 -4.38 1.49
N ALA A 12 -19.62 -3.04 1.54
CA ALA A 12 -19.99 -2.30 0.34
C ALA A 12 -18.90 -2.45 -0.73
N ALA A 13 -17.64 -2.24 -0.30
CA ALA A 13 -16.57 -2.31 -1.31
C ALA A 13 -16.48 -3.71 -1.91
N TRP A 14 -16.60 -4.72 -1.03
CA TRP A 14 -16.46 -6.08 -1.53
C TRP A 14 -17.60 -6.40 -2.47
N SER A 15 -18.77 -5.74 -2.30
CA SER A 15 -19.80 -6.09 -3.30
C SER A 15 -19.40 -5.61 -4.68
N LYS A 16 -18.60 -4.54 -4.72
CA LYS A 16 -18.21 -3.98 -6.01
C LYS A 16 -17.15 -4.81 -6.69
N VAL A 17 -16.48 -5.67 -5.92
CA VAL A 17 -15.55 -6.63 -6.50
C VAL A 17 -16.31 -7.57 -7.42
N GLY A 18 -17.65 -7.69 -7.33
CA GLY A 18 -18.34 -8.58 -8.24
C GLY A 18 -17.83 -10.00 -8.14
N GLY A 19 -17.63 -10.69 -9.28
CA GLY A 19 -17.09 -12.05 -9.08
C GLY A 19 -15.59 -12.02 -9.36
N HIS A 20 -14.93 -10.89 -9.18
CA HIS A 20 -13.49 -10.78 -9.48
C HIS A 20 -12.57 -11.08 -8.32
N ALA A 21 -13.01 -11.59 -7.17
CA ALA A 21 -12.10 -11.73 -6.05
C ALA A 21 -10.91 -12.65 -6.34
N GLY A 22 -11.13 -13.75 -7.07
CA GLY A 22 -10.01 -14.67 -7.30
C GLY A 22 -9.00 -14.05 -8.27
N GLU A 23 -9.52 -13.31 -9.24
CA GLU A 23 -8.66 -12.62 -10.20
C GLU A 23 -7.82 -11.58 -9.48
N TYR A 24 -8.49 -10.82 -8.61
CA TYR A 24 -7.73 -9.81 -7.86
C TYR A 24 -6.75 -10.47 -6.93
N GLY A 25 -7.14 -11.62 -6.32
CA GLY A 25 -6.15 -12.26 -5.45
C GLY A 25 -4.92 -12.70 -6.22
N ALA A 26 -5.10 -13.26 -7.41
CA ALA A 26 -3.96 -13.68 -8.21
C ALA A 26 -3.08 -12.48 -8.55
N GLU A 27 -3.72 -11.38 -8.93
CA GLU A 27 -2.94 -10.19 -9.27
C GLU A 27 -2.15 -9.63 -8.08
N ALA A 28 -2.80 -9.60 -6.93
CA ALA A 28 -2.17 -9.19 -5.68
C ALA A 28 -0.94 -10.03 -5.39
N LEU A 29 -1.10 -11.35 -5.60
CA LEU A 29 0.03 -12.26 -5.35
C LEU A 29 1.17 -11.89 -6.29
N GLU A 30 0.81 -11.67 -7.57
CA GLU A 30 1.88 -11.31 -8.52
C GLU A 30 2.55 -9.99 -8.14
N ARG A 31 1.75 -8.99 -7.76
CA ARG A 31 2.33 -7.72 -7.35
C ARG A 31 3.27 -7.96 -6.17
N MET A 32 2.88 -8.88 -5.28
CA MET A 32 3.73 -9.16 -4.13
C MET A 32 5.05 -9.81 -4.52
N PHE A 33 5.00 -10.85 -5.36
CA PHE A 33 6.20 -11.60 -5.70
C PHE A 33 7.20 -10.70 -6.42
N LEU A 34 6.71 -9.84 -7.30
CA LEU A 34 7.61 -8.96 -8.03
C LEU A 34 8.09 -7.79 -7.18
N GLY A 35 7.19 -7.23 -6.37
CA GLY A 35 7.53 -6.02 -5.63
C GLY A 35 8.33 -6.35 -4.39
N PHE A 36 8.12 -7.55 -3.83
CA PHE A 36 8.81 -7.98 -2.63
C PHE A 36 9.33 -9.40 -2.81
N PRO A 37 10.43 -9.56 -3.53
CA PRO A 37 10.90 -10.88 -3.95
C PRO A 37 11.21 -11.86 -2.83
N THR A 38 11.48 -11.38 -1.62
CA THR A 38 11.68 -12.28 -0.50
C THR A 38 10.46 -13.20 -0.35
N THR A 39 9.27 -12.73 -0.72
CA THR A 39 8.09 -13.56 -0.45
C THR A 39 8.02 -14.78 -1.37
N LYS A 40 8.80 -14.83 -2.43
CA LYS A 40 8.71 -15.93 -3.37
C LYS A 40 9.18 -17.25 -2.79
N THR A 41 10.06 -17.15 -1.77
CA THR A 41 10.59 -18.41 -1.24
C THR A 41 9.54 -19.19 -0.47
N TYR A 42 8.35 -18.63 -0.22
CA TYR A 42 7.29 -19.39 0.43
C TYR A 42 6.67 -20.34 -0.58
N PHE A 43 6.97 -20.16 -1.87
CA PHE A 43 6.33 -20.95 -2.92
C PHE A 43 7.32 -21.63 -3.86
N PRO A 44 8.19 -22.44 -3.27
CA PRO A 44 9.37 -22.93 -4.01
C PRO A 44 8.99 -23.86 -5.15
N HIS A 45 7.83 -24.49 -5.04
CA HIS A 45 7.47 -25.37 -6.13
C HIS A 45 6.38 -24.74 -7.00
N PHE A 46 6.22 -23.43 -7.01
CA PHE A 46 5.23 -22.83 -7.90
C PHE A 46 5.93 -22.24 -9.13
N ASP A 47 5.19 -22.21 -10.23
CA ASP A 47 5.54 -21.34 -11.34
C ASP A 47 5.02 -19.96 -10.96
N LEU A 48 5.89 -18.99 -10.73
CA LEU A 48 5.37 -17.72 -10.22
C LEU A 48 5.20 -16.71 -11.34
N SER A 49 5.43 -17.14 -12.57
CA SER A 49 5.39 -16.36 -13.78
C SER A 49 3.98 -15.86 -14.08
N HIS A 50 3.87 -14.73 -14.78
CA HIS A 50 2.57 -14.12 -15.00
C HIS A 50 1.63 -15.07 -15.72
N GLY A 51 0.37 -15.16 -15.26
CA GLY A 51 -0.52 -16.04 -16.02
C GLY A 51 -0.36 -17.49 -15.61
N SER A 52 0.57 -17.81 -14.72
CA SER A 52 0.70 -19.21 -14.31
C SER A 52 -0.58 -19.79 -13.74
N ALA A 53 -0.88 -21.04 -14.11
CA ALA A 53 -2.04 -21.74 -13.56
C ALA A 53 -1.98 -21.79 -12.04
N GLN A 54 -0.78 -21.99 -11.47
CA GLN A 54 -0.72 -22.13 -10.02
C GLN A 54 -1.01 -20.82 -9.29
N VAL A 55 -0.55 -19.72 -9.85
CA VAL A 55 -0.84 -18.44 -9.19
C VAL A 55 -2.33 -18.10 -9.36
N LYS A 56 -2.89 -18.39 -10.54
CA LYS A 56 -4.33 -18.11 -10.71
C LYS A 56 -5.14 -18.90 -9.68
N ALA A 57 -4.78 -20.17 -9.49
CA ALA A 57 -5.54 -21.00 -8.56
C ALA A 57 -5.35 -20.51 -7.12
N HIS A 58 -4.09 -20.15 -6.83
CA HIS A 58 -3.81 -19.67 -5.48
C HIS A 58 -4.56 -18.37 -5.22
N GLY A 59 -4.63 -17.50 -6.22
CA GLY A 59 -5.43 -16.28 -6.15
C GLY A 59 -6.89 -16.55 -5.86
N LYS A 60 -7.48 -17.59 -6.45
CA LYS A 60 -8.87 -17.98 -6.09
C LYS A 60 -8.98 -18.36 -4.62
N LYS A 61 -7.98 -19.08 -4.08
CA LYS A 61 -8.03 -19.43 -2.67
C LYS A 61 -8.02 -18.16 -1.82
N VAL A 62 -7.06 -17.27 -2.13
CA VAL A 62 -6.96 -16.05 -1.33
C VAL A 62 -8.23 -15.20 -1.45
N GLY A 63 -8.73 -15.02 -2.66
CA GLY A 63 -9.94 -14.22 -2.88
C GLY A 63 -11.11 -14.86 -2.16
N ASP A 64 -11.22 -16.18 -2.21
CA ASP A 64 -12.32 -16.84 -1.50
C ASP A 64 -12.21 -16.70 0.01
N ALA A 65 -10.98 -16.80 0.53
CA ALA A 65 -10.84 -16.58 1.97
C ALA A 65 -11.20 -15.16 2.37
N LEU A 66 -10.87 -14.17 1.53
CA LEU A 66 -11.24 -12.79 1.87
C LEU A 66 -12.74 -12.63 1.80
N THR A 67 -13.33 -13.32 0.82
CA THR A 67 -14.80 -13.20 0.71
C THR A 67 -15.45 -13.81 1.95
N LEU A 68 -14.94 -14.96 2.36
CA LEU A 68 -15.49 -15.60 3.58
C LEU A 68 -15.34 -14.66 4.76
N ALA A 69 -14.16 -14.02 4.92
CA ALA A 69 -13.92 -13.12 6.04
C ALA A 69 -14.90 -11.95 6.05
N VAL A 70 -15.13 -11.37 4.87
CA VAL A 70 -16.11 -10.27 4.76
C VAL A 70 -17.46 -10.71 5.31
N GLY A 71 -17.81 -11.98 5.16
CA GLY A 71 -19.08 -12.48 5.66
C GLY A 71 -19.05 -12.87 7.13
N HIS A 72 -17.88 -12.77 7.76
CA HIS A 72 -17.75 -13.12 9.18
C HIS A 72 -17.04 -12.04 9.99
N LEU A 73 -17.36 -10.77 9.74
CA LEU A 73 -16.56 -9.73 10.42
C LEU A 73 -16.73 -9.74 11.91
N ASP A 74 -17.81 -10.35 12.44
CA ASP A 74 -18.00 -10.45 13.89
C ASP A 74 -17.33 -11.66 14.53
N ASP A 75 -16.72 -12.52 13.72
CA ASP A 75 -15.99 -13.66 14.27
C ASP A 75 -14.87 -14.12 13.35
N LEU A 76 -13.97 -13.21 12.96
CA LEU A 76 -12.83 -13.66 12.17
C LEU A 76 -11.97 -14.72 12.82
N PRO A 77 -11.70 -14.67 14.12
CA PRO A 77 -10.83 -15.73 14.65
C PRO A 77 -11.44 -17.10 14.44
N GLY A 78 -12.76 -17.15 14.58
CA GLY A 78 -13.39 -18.47 14.47
C GLY A 78 -13.40 -18.91 13.02
N ALA A 79 -13.84 -17.98 12.16
CA ALA A 79 -13.97 -18.32 10.77
C ALA A 79 -12.62 -18.65 10.12
N LEU A 80 -11.54 -18.03 10.59
CA LEU A 80 -10.24 -18.30 9.98
C LEU A 80 -9.30 -19.09 10.88
N SER A 81 -9.81 -19.76 11.90
CA SER A 81 -8.90 -20.50 12.78
C SER A 81 -8.05 -21.51 12.04
N ASN A 82 -8.63 -22.32 11.16
CA ASN A 82 -7.83 -23.37 10.53
C ASN A 82 -6.73 -22.77 9.66
N LEU A 83 -7.14 -21.73 8.95
CA LEU A 83 -6.19 -21.07 8.04
C LEU A 83 -5.07 -20.45 8.84
N SER A 84 -5.40 -20.02 10.05
CA SER A 84 -4.50 -19.41 11.02
C SER A 84 -3.42 -20.40 11.47
N ASP A 85 -3.91 -21.60 11.78
CA ASP A 85 -3.01 -22.69 12.17
C ASP A 85 -2.01 -23.01 11.08
N LEU A 86 -2.47 -23.11 9.84
CA LEU A 86 -1.61 -23.37 8.70
C LEU A 86 -0.55 -22.29 8.52
N HIS A 87 -0.94 -21.02 8.45
CA HIS A 87 0.04 -19.98 8.13
C HIS A 87 1.06 -19.82 9.25
N ALA A 88 0.64 -20.00 10.51
CA ALA A 88 1.60 -19.85 11.61
C ALA A 88 2.33 -21.16 11.92
N HIS A 89 1.60 -22.23 12.22
CA HIS A 89 2.28 -23.43 12.71
C HIS A 89 2.99 -24.19 11.62
N LYS A 90 2.35 -24.25 10.46
CA LYS A 90 3.00 -25.06 9.43
C LYS A 90 3.87 -24.17 8.57
N LEU A 91 3.33 -23.07 8.04
CA LEU A 91 4.07 -22.27 7.06
C LEU A 91 5.08 -21.32 7.71
N ARG A 92 4.91 -21.00 8.99
CA ARG A 92 5.83 -20.06 9.63
C ARG A 92 5.94 -18.75 8.86
N VAL A 93 4.81 -18.22 8.39
CA VAL A 93 4.92 -16.98 7.62
C VAL A 93 5.28 -15.82 8.51
N ASP A 94 6.32 -15.09 8.10
CA ASP A 94 6.68 -13.88 8.84
C ASP A 94 5.57 -12.84 8.87
N PRO A 95 5.19 -12.29 10.01
CA PRO A 95 4.12 -11.30 10.10
C PRO A 95 4.31 -10.13 9.16
N VAL A 96 5.56 -9.74 8.87
CA VAL A 96 5.75 -8.63 7.93
C VAL A 96 5.11 -8.89 6.57
N ASN A 97 5.16 -10.15 6.13
CA ASN A 97 4.66 -10.47 4.78
C ASN A 97 3.15 -10.26 4.65
N PHE A 98 2.43 -10.26 5.78
CA PHE A 98 1.00 -9.97 5.70
C PHE A 98 0.78 -8.50 5.36
N LYS A 99 1.66 -7.66 5.88
CA LYS A 99 1.64 -6.24 5.55
C LYS A 99 1.91 -6.05 4.05
N LEU A 100 2.86 -6.84 3.55
CA LEU A 100 3.18 -6.74 2.11
C LEU A 100 2.02 -7.19 1.24
N LEU A 101 1.43 -8.34 1.55
CA LEU A 101 0.31 -8.80 0.71
C LEU A 101 -0.85 -7.84 0.87
N SER A 102 -1.08 -7.34 2.10
CA SER A 102 -2.23 -6.42 2.25
C SER A 102 -2.07 -5.19 1.38
N HIS A 103 -0.84 -4.66 1.33
CA HIS A 103 -0.60 -3.48 0.50
C HIS A 103 -0.80 -3.81 -0.97
N CYS A 104 -0.39 -5.01 -1.39
CA CYS A 104 -0.61 -5.39 -2.78
C CYS A 104 -2.10 -5.61 -3.08
N LEU A 105 -2.83 -6.07 -2.07
CA LEU A 105 -4.29 -6.19 -2.23
C LEU A 105 -4.93 -4.81 -2.43
N LEU A 106 -4.58 -3.84 -1.58
CA LEU A 106 -5.12 -2.49 -1.75
C LEU A 106 -4.73 -1.95 -3.12
N SER A 107 -3.50 -2.21 -3.56
CA SER A 107 -3.03 -1.71 -4.86
C SER A 107 -3.92 -2.20 -6.00
N THR A 108 -4.18 -3.50 -5.94
CA THR A 108 -5.00 -4.19 -6.93
C THR A 108 -6.42 -3.62 -6.93
N LEU A 109 -6.97 -3.36 -5.74
CA LEU A 109 -8.34 -2.85 -5.67
C LEU A 109 -8.43 -1.44 -6.24
N ALA A 110 -7.37 -0.67 -5.95
CA ALA A 110 -7.25 0.68 -6.51
C ALA A 110 -7.16 0.63 -8.04
N VAL A 111 -6.43 -0.34 -8.59
CA VAL A 111 -6.29 -0.48 -10.04
C VAL A 111 -7.68 -0.66 -10.69
N HIS A 112 -8.43 -1.60 -10.14
CA HIS A 112 -9.69 -2.07 -10.76
C HIS A 112 -10.93 -1.30 -10.37
N LEU A 113 -10.94 -0.69 -9.20
CA LEU A 113 -12.14 0.01 -8.72
C LEU A 113 -11.79 1.43 -8.32
N PRO A 114 -11.23 2.21 -9.21
CA PRO A 114 -10.70 3.52 -8.82
C PRO A 114 -11.78 4.44 -8.29
N ASN A 115 -13.03 4.24 -8.77
CA ASN A 115 -14.04 5.22 -8.35
C ASN A 115 -14.63 4.86 -7.00
N ASP A 116 -14.48 3.59 -6.63
CA ASP A 116 -14.99 3.09 -5.36
C ASP A 116 -13.92 3.10 -4.27
N PHE A 117 -12.66 3.17 -4.68
CA PHE A 117 -11.57 3.18 -3.70
C PHE A 117 -11.32 4.59 -3.16
N THR A 118 -12.30 5.09 -2.42
CA THR A 118 -12.20 6.43 -1.87
C THR A 118 -11.29 6.42 -0.65
N PRO A 119 -10.89 7.57 -0.12
CA PRO A 119 -10.07 7.57 1.10
C PRO A 119 -10.73 6.89 2.29
N ALA A 120 -12.01 7.14 2.56
CA ALA A 120 -12.63 6.41 3.69
C ALA A 120 -12.70 4.90 3.44
N VAL A 121 -13.01 4.46 2.23
CA VAL A 121 -13.06 3.03 1.94
C VAL A 121 -11.68 2.43 2.02
N HIS A 122 -10.67 3.16 1.53
CA HIS A 122 -9.27 2.70 1.69
C HIS A 122 -8.95 2.51 3.17
N ALA A 123 -9.35 3.45 4.01
CA ALA A 123 -9.08 3.28 5.44
C ALA A 123 -9.74 2.02 6.01
N SER A 124 -11.01 1.80 5.62
CA SER A 124 -11.72 0.66 6.21
C SER A 124 -11.13 -0.64 5.70
N LEU A 125 -10.78 -0.67 4.39
CA LEU A 125 -10.16 -1.87 3.84
C LEU A 125 -8.80 -2.17 4.46
N ASP A 126 -8.05 -1.10 4.73
CA ASP A 126 -6.81 -1.26 5.48
C ASP A 126 -7.07 -1.92 6.84
N LYS A 127 -8.08 -1.43 7.58
CA LYS A 127 -8.33 -2.06 8.89
C LYS A 127 -8.77 -3.50 8.77
N PHE A 128 -9.61 -3.78 7.78
CA PHE A 128 -10.05 -5.12 7.45
C PHE A 128 -8.85 -6.04 7.25
N LEU A 129 -7.96 -5.64 6.35
CA LEU A 129 -6.81 -6.53 6.08
C LEU A 129 -5.89 -6.63 7.29
N SER A 130 -5.74 -5.59 8.12
CA SER A 130 -4.93 -5.74 9.31
C SER A 130 -5.60 -6.75 10.25
N SER A 131 -6.94 -6.68 10.31
CA SER A 131 -7.64 -7.60 11.19
C SER A 131 -7.47 -9.03 10.75
N VAL A 132 -7.61 -9.21 9.44
CA VAL A 132 -7.40 -10.57 8.90
C VAL A 132 -5.97 -11.02 9.19
N SER A 133 -5.04 -10.08 9.04
CA SER A 133 -3.62 -10.45 9.18
C SER A 133 -3.30 -10.86 10.61
N THR A 134 -3.93 -10.12 11.52
CA THR A 134 -3.76 -10.35 12.95
C THR A 134 -4.23 -11.74 13.31
N VAL A 135 -5.41 -12.11 12.82
CA VAL A 135 -5.82 -13.50 13.07
C VAL A 135 -4.90 -14.53 12.44
N LEU A 136 -4.47 -14.28 11.19
CA LEU A 136 -3.64 -15.29 10.56
C LEU A 136 -2.22 -15.39 11.16
N THR A 137 -1.81 -14.46 12.00
CA THR A 137 -0.55 -14.58 12.73
C THR A 137 -0.80 -14.83 14.21
N SER A 138 -2.02 -15.17 14.62
CA SER A 138 -2.35 -15.28 16.03
C SER A 138 -1.97 -16.60 16.66
N LYS A 139 -1.62 -17.58 15.83
CA LYS A 139 -1.33 -18.91 16.35
C LYS A 139 0.14 -19.10 16.69
N TYR A 140 0.93 -18.03 16.66
CA TYR A 140 2.37 -18.21 16.93
C TYR A 140 2.58 -18.56 18.39
N ARG A 141 3.10 -19.75 18.60
CA ARG A 141 3.38 -20.35 19.89
C ARG A 141 3.84 -19.32 20.93
N VAL B 1 18.71 1.99 -4.39
CA VAL B 1 17.77 1.58 -5.43
C VAL B 1 18.44 0.78 -6.54
N GLN B 2 18.42 -0.54 -6.41
CA GLN B 2 18.95 -1.48 -7.38
C GLN B 2 18.05 -1.65 -8.60
N LEU B 3 17.83 -0.56 -9.36
CA LEU B 3 16.97 -0.47 -10.52
C LEU B 3 17.71 -0.67 -11.83
N SER B 4 17.21 -1.45 -12.76
CA SER B 4 17.91 -1.56 -14.03
C SER B 4 17.82 -0.27 -14.80
N GLY B 5 18.62 -0.13 -15.85
CA GLY B 5 18.37 0.94 -16.80
C GLY B 5 17.01 0.80 -17.45
N GLU B 6 16.56 -0.39 -17.84
CA GLU B 6 15.21 -0.45 -18.43
C GLU B 6 14.10 -0.16 -17.41
N GLU B 7 14.32 -0.49 -16.13
CA GLU B 7 13.37 -0.14 -15.08
C GLU B 7 13.35 1.37 -14.85
N LYS B 8 14.53 2.00 -14.75
CA LYS B 8 14.58 3.45 -14.66
C LYS B 8 13.76 4.16 -15.74
N ALA B 9 13.91 3.79 -17.00
CA ALA B 9 13.16 4.43 -18.07
C ALA B 9 11.65 4.31 -17.89
N ALA B 10 11.17 3.16 -17.41
CA ALA B 10 9.73 3.03 -17.27
C ALA B 10 9.24 3.90 -16.09
N VAL B 11 10.09 3.91 -15.05
CA VAL B 11 9.76 4.78 -13.92
C VAL B 11 9.66 6.23 -14.38
N LEU B 12 10.63 6.69 -15.16
CA LEU B 12 10.64 8.10 -15.58
C LEU B 12 9.47 8.37 -16.49
N ALA B 13 9.19 7.38 -17.35
CA ALA B 13 8.10 7.58 -18.29
C ALA B 13 6.76 7.77 -17.59
N LEU B 14 6.57 7.03 -16.47
CA LEU B 14 5.31 7.25 -15.77
C LEU B 14 5.24 8.62 -15.13
N TRP B 15 6.37 9.09 -14.58
CA TRP B 15 6.35 10.37 -13.89
C TRP B 15 6.03 11.48 -14.86
N ASP B 16 6.33 11.31 -16.15
CA ASP B 16 5.95 12.30 -17.15
C ASP B 16 4.45 12.55 -17.18
N LYS B 17 3.66 11.60 -16.68
CA LYS B 17 2.20 11.70 -16.74
C LYS B 17 1.58 12.06 -15.40
N VAL B 18 2.45 12.19 -14.39
CA VAL B 18 1.98 12.47 -13.03
C VAL B 18 1.77 13.96 -12.82
N ASN B 19 0.53 14.31 -12.54
CA ASN B 19 0.11 15.61 -12.05
C ASN B 19 0.44 15.71 -10.56
N GLU B 20 1.53 16.39 -10.23
CA GLU B 20 2.03 16.41 -8.85
C GLU B 20 1.02 17.08 -7.93
N GLU B 21 0.22 18.02 -8.43
CA GLU B 21 -0.80 18.63 -7.57
C GLU B 21 -1.94 17.69 -7.19
N GLU B 22 -2.51 17.03 -8.19
CA GLU B 22 -3.64 16.12 -7.97
C GLU B 22 -3.13 14.88 -7.25
N VAL B 23 -2.06 14.23 -7.71
CA VAL B 23 -1.58 13.01 -7.04
C VAL B 23 -1.05 13.35 -5.65
N GLY B 24 -0.35 14.48 -5.51
CA GLY B 24 0.22 14.83 -4.22
C GLY B 24 -0.83 15.20 -3.19
N GLY B 25 -1.81 16.02 -3.57
CA GLY B 25 -2.89 16.34 -2.64
C GLY B 25 -3.57 15.05 -2.17
N GLU B 26 -3.84 14.16 -3.11
CA GLU B 26 -4.53 12.92 -2.76
C GLU B 26 -3.66 12.08 -1.85
N ALA B 27 -2.38 11.92 -2.15
CA ALA B 27 -1.54 11.05 -1.34
C ALA B 27 -1.41 11.59 0.08
N LEU B 28 -1.18 12.89 0.24
CA LEU B 28 -1.04 13.36 1.64
C LEU B 28 -2.38 13.26 2.34
N GLY B 29 -3.49 13.60 1.65
CA GLY B 29 -4.74 13.48 2.37
C GLY B 29 -5.00 12.03 2.78
N ARG B 30 -4.70 11.07 1.90
CA ARG B 30 -4.92 9.66 2.23
C ARG B 30 -4.04 9.26 3.41
N LEU B 31 -2.79 9.77 3.46
CA LEU B 31 -1.98 9.46 4.64
C LEU B 31 -2.69 9.86 5.93
N LEU B 32 -3.26 11.08 5.89
CA LEU B 32 -3.86 11.68 7.07
C LEU B 32 -5.17 10.99 7.47
N VAL B 33 -5.91 10.47 6.50
CA VAL B 33 -7.12 9.71 6.73
C VAL B 33 -6.86 8.27 7.14
N VAL B 34 -5.97 7.55 6.45
CA VAL B 34 -5.75 6.13 6.71
C VAL B 34 -4.87 5.91 7.93
N TYR B 35 -3.95 6.82 8.25
CA TYR B 35 -3.05 6.69 9.37
C TYR B 35 -3.11 7.97 10.20
N PRO B 36 -4.22 8.12 10.93
CA PRO B 36 -4.59 9.42 11.48
C PRO B 36 -3.61 9.98 12.51
N TRP B 37 -2.73 9.15 13.07
CA TRP B 37 -1.72 9.71 13.99
C TRP B 37 -0.79 10.66 13.25
N THR B 38 -0.73 10.53 11.90
CA THR B 38 0.16 11.47 11.21
C THR B 38 -0.34 12.90 11.30
N GLN B 39 -1.63 13.06 11.66
CA GLN B 39 -2.21 14.40 11.79
C GLN B 39 -1.53 15.21 12.88
N ARG B 40 -0.83 14.52 13.77
CA ARG B 40 -0.10 15.15 14.87
C ARG B 40 0.83 16.23 14.34
N PHE B 41 1.32 16.06 13.12
CA PHE B 41 2.36 16.94 12.58
C PHE B 41 1.77 18.13 11.84
N PHE B 42 0.44 18.18 11.75
CA PHE B 42 -0.19 19.15 10.85
C PHE B 42 -1.25 19.99 11.54
N ASP B 43 -0.99 20.30 12.81
CA ASP B 43 -1.99 21.06 13.56
C ASP B 43 -2.28 22.41 12.94
N SER B 44 -1.32 23.05 12.29
CA SER B 44 -1.56 24.36 11.70
C SER B 44 -2.38 24.32 10.41
N PHE B 45 -2.71 23.12 9.92
CA PHE B 45 -3.40 22.99 8.64
C PHE B 45 -4.90 23.15 8.81
N GLY B 46 -5.39 23.31 10.04
CA GLY B 46 -6.81 23.53 10.18
C GLY B 46 -7.63 22.26 10.32
N ASP B 47 -8.81 22.27 9.72
CA ASP B 47 -9.75 21.16 9.93
C ASP B 47 -9.30 19.87 9.28
N LEU B 48 -9.01 18.88 10.11
CA LEU B 48 -8.66 17.54 9.63
C LEU B 48 -9.57 16.50 10.25
N SER B 49 -10.78 16.90 10.62
CA SER B 49 -11.58 16.08 11.53
C SER B 49 -12.34 14.95 10.89
N ASN B 50 -12.46 14.90 9.57
CA ASN B 50 -13.09 13.75 8.94
C ASN B 50 -12.55 13.62 7.52
N PRO B 51 -12.76 12.53 6.83
CA PRO B 51 -12.10 12.40 5.50
C PRO B 51 -12.51 13.51 4.56
N GLY B 52 -13.78 13.95 4.50
CA GLY B 52 -14.08 15.01 3.54
C GLY B 52 -13.30 16.30 3.77
N ALA B 53 -13.17 16.68 5.04
CA ALA B 53 -12.45 17.88 5.43
C ALA B 53 -10.96 17.79 5.13
N VAL B 54 -10.37 16.64 5.44
CA VAL B 54 -8.95 16.45 5.11
C VAL B 54 -8.70 16.56 3.61
N MET B 55 -9.48 15.76 2.86
CA MET B 55 -9.27 15.74 1.40
C MET B 55 -9.61 17.08 0.76
N GLY B 56 -10.54 17.84 1.33
CA GLY B 56 -10.84 19.14 0.71
C GLY B 56 -10.02 20.30 1.24
N ASN B 57 -9.17 20.11 2.23
CA ASN B 57 -8.32 21.11 2.89
C ASN B 57 -7.27 21.70 1.94
N PRO B 58 -7.36 23.00 1.64
CA PRO B 58 -6.45 23.64 0.69
C PRO B 58 -4.97 23.50 1.05
N LYS B 59 -4.68 23.56 2.34
CA LYS B 59 -3.30 23.41 2.82
C LYS B 59 -2.80 21.98 2.61
N VAL B 60 -3.66 20.98 2.76
CA VAL B 60 -3.19 19.61 2.53
C VAL B 60 -2.82 19.44 1.08
N LYS B 61 -3.68 20.01 0.22
CA LYS B 61 -3.46 19.88 -1.21
C LYS B 61 -2.18 20.62 -1.59
N ALA B 62 -2.02 21.84 -1.08
CA ALA B 62 -0.83 22.61 -1.46
C ALA B 62 0.43 21.91 -0.98
N HIS B 63 0.37 21.44 0.26
CA HIS B 63 1.55 20.73 0.79
C HIS B 63 1.76 19.42 0.04
N GLY B 64 0.70 18.66 -0.25
CA GLY B 64 0.93 17.41 -0.97
C GLY B 64 1.65 17.65 -2.30
N LYS B 65 1.29 18.74 -2.95
CA LYS B 65 1.96 19.11 -4.20
C LYS B 65 3.46 19.25 -3.99
N LYS B 66 3.86 19.92 -2.93
CA LYS B 66 5.28 20.09 -2.64
C LYS B 66 5.98 18.77 -2.36
N VAL B 67 5.29 17.92 -1.60
CA VAL B 67 5.81 16.59 -1.34
C VAL B 67 6.03 15.85 -2.64
N LEU B 68 5.01 15.84 -3.51
CA LEU B 68 5.19 15.10 -4.77
C LEU B 68 6.27 15.70 -5.65
N HIS B 69 6.43 17.03 -5.60
CA HIS B 69 7.52 17.64 -6.39
C HIS B 69 8.88 17.10 -5.96
N SER B 70 9.00 16.88 -4.64
CA SER B 70 10.28 16.36 -4.17
C SER B 70 10.41 14.88 -4.50
N PHE B 71 9.34 14.10 -4.52
CA PHE B 71 9.42 12.73 -5.00
C PHE B 71 9.87 12.73 -6.46
N GLY B 72 9.36 13.66 -7.26
CA GLY B 72 9.77 13.77 -8.67
C GLY B 72 11.26 14.07 -8.77
N GLU B 73 11.75 14.91 -7.85
CA GLU B 73 13.21 15.14 -7.85
C GLU B 73 13.97 13.85 -7.62
N GLY B 74 13.45 12.98 -6.74
CA GLY B 74 14.14 11.72 -6.45
C GLY B 74 14.10 10.80 -7.65
N VAL B 75 12.95 10.73 -8.29
CA VAL B 75 12.74 9.94 -9.49
C VAL B 75 13.82 10.30 -10.52
N HIS B 76 14.13 11.59 -10.60
CA HIS B 76 15.10 12.09 -11.58
C HIS B 76 16.52 12.11 -11.05
N HIS B 77 16.79 11.64 -9.84
CA HIS B 77 18.13 11.51 -9.29
C HIS B 77 18.30 10.18 -8.54
N LEU B 78 17.88 9.06 -9.14
CA LEU B 78 17.90 7.76 -8.49
C LEU B 78 19.29 7.29 -8.08
N ASP B 79 20.29 7.95 -8.63
CA ASP B 79 21.68 7.58 -8.35
C ASP B 79 22.25 8.36 -7.20
N ASN B 80 21.49 9.35 -6.72
CA ASN B 80 21.96 10.13 -5.58
C ASN B 80 20.81 10.55 -4.68
N LEU B 81 20.03 9.53 -4.27
CA LEU B 81 18.89 9.86 -3.41
C LEU B 81 19.39 10.46 -2.10
N LYS B 82 20.49 9.94 -1.55
CA LYS B 82 21.00 10.49 -0.30
C LYS B 82 21.27 11.98 -0.41
N GLY B 83 21.93 12.43 -1.48
CA GLY B 83 22.16 13.86 -1.62
C GLY B 83 20.91 14.66 -1.90
N THR B 84 20.04 14.14 -2.77
CA THR B 84 18.78 14.81 -3.11
C THR B 84 17.92 15.09 -1.88
N PHE B 85 17.90 14.12 -0.95
CA PHE B 85 17.02 14.28 0.22
C PHE B 85 17.73 14.76 1.45
N ALA B 86 19.02 15.12 1.34
CA ALA B 86 19.77 15.52 2.53
C ALA B 86 19.14 16.65 3.33
N ALA B 87 18.69 17.71 2.67
CA ALA B 87 18.11 18.83 3.42
C ALA B 87 16.80 18.40 4.06
N LEU B 88 15.98 17.68 3.33
CA LEU B 88 14.69 17.18 3.85
C LEU B 88 14.87 16.17 4.99
N SER B 89 15.97 15.42 4.93
CA SER B 89 16.26 14.48 6.02
C SER B 89 16.56 15.25 7.29
N GLU B 90 17.35 16.33 7.18
CA GLU B 90 17.58 17.13 8.40
C GLU B 90 16.29 17.71 8.94
N LEU B 91 15.40 18.17 8.04
CA LEU B 91 14.12 18.73 8.40
C LEU B 91 13.26 17.70 9.11
N HIS B 92 13.08 16.55 8.49
CA HIS B 92 12.10 15.61 9.07
C HIS B 92 12.65 14.87 10.26
N CYS B 93 13.96 14.66 10.32
CA CYS B 93 14.55 13.87 11.40
C CYS B 93 14.99 14.76 12.57
N ASP B 94 15.93 15.65 12.29
CA ASP B 94 16.48 16.53 13.32
C ASP B 94 15.48 17.61 13.73
N LYS B 95 14.63 18.14 12.86
CA LYS B 95 13.78 19.24 13.29
C LYS B 95 12.39 18.77 13.68
N LEU B 96 11.79 17.88 12.89
CA LEU B 96 10.43 17.46 13.16
C LEU B 96 10.33 16.18 13.99
N HIS B 97 11.36 15.36 13.97
CA HIS B 97 11.36 14.09 14.69
C HIS B 97 10.21 13.18 14.30
N VAL B 98 9.96 13.05 13.01
CA VAL B 98 8.97 12.13 12.47
C VAL B 98 9.52 10.71 12.49
N ASP B 99 8.76 9.75 13.02
CA ASP B 99 9.31 8.39 13.00
C ASP B 99 9.48 7.95 11.53
N PRO B 100 10.63 7.41 11.18
CA PRO B 100 10.90 7.04 9.77
C PRO B 100 9.96 5.96 9.25
N GLU B 101 9.31 5.17 10.09
CA GLU B 101 8.31 4.24 9.54
C GLU B 101 7.27 5.00 8.71
N ASN B 102 6.96 6.24 9.08
CA ASN B 102 5.94 6.95 8.31
C ASN B 102 6.43 7.33 6.93
N PHE B 103 7.73 7.37 6.70
CA PHE B 103 8.21 7.67 5.35
C PHE B 103 7.84 6.53 4.41
N ARG B 104 7.99 5.34 4.95
CA ARG B 104 7.59 4.14 4.21
C ARG B 104 6.07 4.18 4.04
N LEU B 105 5.32 4.53 5.08
CA LEU B 105 3.86 4.52 4.89
C LEU B 105 3.48 5.48 3.78
N LEU B 106 4.08 6.68 3.78
CA LEU B 106 3.66 7.63 2.74
C LEU B 106 4.06 7.11 1.35
N GLY B 107 5.23 6.48 1.22
CA GLY B 107 5.66 5.94 -0.06
C GLY B 107 4.67 4.92 -0.59
N ASN B 108 4.17 4.06 0.31
CA ASN B 108 3.23 3.05 -0.10
C ASN B 108 1.87 3.65 -0.43
N VAL B 109 1.45 4.66 0.34
CA VAL B 109 0.23 5.39 -0.02
C VAL B 109 0.36 5.97 -1.43
N LEU B 110 1.51 6.54 -1.69
CA LEU B 110 1.72 7.09 -3.05
C LEU B 110 1.62 6.00 -4.10
N VAL B 111 2.17 4.81 -3.85
CA VAL B 111 2.02 3.73 -4.82
C VAL B 111 0.57 3.37 -5.01
N VAL B 112 -0.20 3.26 -3.93
CA VAL B 112 -1.65 3.01 -4.10
C VAL B 112 -2.34 4.09 -4.92
N VAL B 113 -2.00 5.36 -4.79
CA VAL B 113 -2.61 6.47 -5.54
C VAL B 113 -2.20 6.36 -7.01
N LEU B 114 -0.93 6.06 -7.26
CA LEU B 114 -0.53 5.82 -8.65
C LEU B 114 -1.31 4.67 -9.28
N ALA B 115 -1.52 3.60 -8.49
CA ALA B 115 -2.35 2.51 -9.03
C ALA B 115 -3.76 2.98 -9.36
N ARG B 116 -4.28 3.84 -8.46
CA ARG B 116 -5.66 4.32 -8.66
C ARG B 116 -5.75 5.17 -9.91
N HIS B 117 -4.74 6.01 -10.14
CA HIS B 117 -4.72 6.93 -11.26
C HIS B 117 -4.44 6.24 -12.59
N PHE B 118 -3.57 5.25 -12.61
CA PHE B 118 -3.15 4.71 -13.90
C PHE B 118 -3.77 3.36 -14.24
N GLY B 119 -4.48 2.73 -13.29
CA GLY B 119 -5.15 1.48 -13.58
C GLY B 119 -4.23 0.41 -14.12
N LYS B 120 -4.71 -0.27 -15.18
CA LYS B 120 -3.98 -1.40 -15.70
C LYS B 120 -2.62 -0.95 -16.25
N ASP B 121 -2.42 0.34 -16.51
CA ASP B 121 -1.08 0.75 -16.98
C ASP B 121 -0.06 0.68 -15.86
N PHE B 122 -0.57 0.64 -14.62
CA PHE B 122 0.33 0.49 -13.47
C PHE B 122 0.58 -0.99 -13.25
N THR B 123 1.34 -1.61 -14.15
CA THR B 123 1.51 -3.06 -14.13
C THR B 123 2.19 -3.56 -12.88
N PRO B 124 2.07 -4.85 -12.60
CA PRO B 124 2.84 -5.45 -11.48
C PRO B 124 4.33 -5.17 -11.61
N GLU B 125 4.91 -5.20 -12.81
CA GLU B 125 6.34 -4.89 -12.94
C GLU B 125 6.68 -3.42 -12.65
N LEU B 126 5.86 -2.48 -13.12
CA LEU B 126 6.04 -1.05 -12.88
C LEU B 126 5.88 -0.72 -11.40
N GLN B 127 4.83 -1.34 -10.80
CA GLN B 127 4.70 -1.18 -9.36
C GLN B 127 5.95 -1.67 -8.66
N ALA B 128 6.52 -2.81 -9.06
CA ALA B 128 7.74 -3.28 -8.38
C ALA B 128 8.88 -2.26 -8.42
N SER B 129 9.00 -1.64 -9.59
CA SER B 129 10.06 -0.63 -9.71
C SER B 129 9.73 0.51 -8.75
N TYR B 130 8.46 0.92 -8.72
CA TYR B 130 8.10 2.02 -7.83
C TYR B 130 8.27 1.63 -6.38
N GLN B 131 8.17 0.35 -5.99
CA GLN B 131 8.46 0.02 -4.59
C GLN B 131 9.95 0.21 -4.29
N LYS B 132 10.78 -0.11 -5.28
CA LYS B 132 12.20 0.20 -5.06
C LYS B 132 12.47 1.69 -4.92
N VAL B 133 11.77 2.51 -5.72
CA VAL B 133 11.90 3.96 -5.67
C VAL B 133 11.43 4.50 -4.32
N VAL B 134 10.21 4.16 -3.88
CA VAL B 134 9.77 4.84 -2.64
C VAL B 134 10.53 4.29 -1.45
N ALA B 135 11.06 3.07 -1.52
CA ALA B 135 11.91 2.61 -0.41
C ALA B 135 13.24 3.34 -0.38
N GLY B 136 13.75 3.65 -1.57
CA GLY B 136 15.00 4.44 -1.67
C GLY B 136 14.79 5.84 -1.11
N VAL B 137 13.66 6.46 -1.47
CA VAL B 137 13.38 7.81 -0.95
C VAL B 137 13.25 7.75 0.58
N ALA B 138 12.50 6.78 1.09
CA ALA B 138 12.33 6.66 2.53
C ALA B 138 13.66 6.43 3.24
N ASN B 139 14.49 5.59 2.64
CA ASN B 139 15.81 5.33 3.23
C ASN B 139 16.63 6.62 3.24
N ALA B 140 16.59 7.36 2.14
CA ALA B 140 17.38 8.60 2.08
C ALA B 140 16.85 9.63 3.07
N LEU B 141 15.53 9.67 3.17
CA LEU B 141 14.95 10.67 4.06
C LEU B 141 15.31 10.34 5.50
N ALA B 142 15.59 9.09 5.81
CA ALA B 142 15.88 8.68 7.18
C ALA B 142 17.36 8.70 7.50
N HIS B 143 18.13 9.18 6.51
CA HIS B 143 19.58 9.18 6.68
C HIS B 143 20.03 9.82 7.98
N LYS B 144 19.45 10.96 8.37
CA LYS B 144 19.89 11.57 9.63
C LYS B 144 19.61 10.68 10.84
N TYR B 145 18.75 9.66 10.75
CA TYR B 145 18.59 8.74 11.86
C TYR B 145 19.70 7.69 11.90
N HIS B 146 20.43 7.47 10.81
CA HIS B 146 21.38 6.38 10.66
C HIS B 146 22.76 6.69 11.22
#